data_3AVK
#
_entry.id   3AVK
#
_cell.length_a   70.743
_cell.length_b   70.743
_cell.length_c   66.609
_cell.angle_alpha   90.000
_cell.angle_beta   90.000
_cell.angle_gamma   120.000
#
_symmetry.space_group_name_H-M   'P 31'
#
loop_
_entity.id
_entity.type
_entity.pdbx_description
1 polymer Integrase
2 polymer 'LEDGF peptide'
3 non-polymer 'SULFATE ION'
4 non-polymer 'ACETIC ACID'
5 non-polymer 'CHLORIDE ION'
6 water water
#
loop_
_entity_poly.entity_id
_entity_poly.type
_entity_poly.pdbx_seq_one_letter_code
_entity_poly.pdbx_strand_id
1 'polypeptide(L)'
;MGSSHHHHHHSSGLVPRGSHMHGQVDSSPGIWQLDCTHLEGKVILVAVHVASGYIEAEVIPAETGQETAYFLLKLAGRWP
VKTVHTDNGSNFTSTTVKAACWWAGIKQEDGIPYNPQSQGVIESMNKELKKIIGQVRDQAEHLKTAVQMAVFIHNHKRKG
GIGGYSAGERIVDIIATDIQTKE
;
A,B
2 'polypeptide(L)' SLKIDNED D,F
#
# COMPACT_ATOMS: atom_id res chain seq x y z
N SER A 28 -11.63 10.52 13.67
N SER A 28 -11.79 10.38 13.71
CA SER A 28 -11.60 9.01 13.61
CA SER A 28 -11.54 8.90 13.57
C SER A 28 -11.48 8.35 12.21
C SER A 28 -11.47 8.30 12.15
N PRO A 29 -11.99 8.98 11.10
CA PRO A 29 -11.59 8.42 9.79
C PRO A 29 -10.05 8.46 9.52
N GLY A 30 -9.34 9.41 10.13
CA GLY A 30 -7.91 9.61 9.80
C GLY A 30 -6.93 9.00 10.87
N ILE A 31 -7.40 8.23 11.83
N ILE A 31 -7.41 8.17 11.77
CA ILE A 31 -6.48 7.76 12.95
CA ILE A 31 -6.54 7.74 12.91
C ILE A 31 -5.97 6.36 12.72
C ILE A 31 -5.98 6.34 12.71
N TRP A 32 -4.65 6.20 12.74
CA TRP A 32 -3.99 4.92 12.61
C TRP A 32 -3.06 4.67 13.78
N GLN A 33 -2.84 3.39 14.05
N GLN A 33 -2.82 3.39 14.02
CA GLN A 33 -1.88 2.93 15.12
CA GLN A 33 -1.96 2.90 15.11
C GLN A 33 -0.85 2.06 14.53
C GLN A 33 -0.89 2.01 14.55
N LEU A 34 0.41 2.31 14.92
N LEU A 34 0.36 2.29 14.93
CA LEU A 34 1.50 1.40 14.47
CA LEU A 34 1.47 1.46 14.51
C LEU A 34 1.67 0.28 15.43
C LEU A 34 1.57 0.24 15.42
N ASP A 35 2.15 -0.83 14.91
CA ASP A 35 2.31 -2.09 15.74
C ASP A 35 3.49 -2.87 15.18
N CYS A 36 4.39 -3.39 16.03
CA CYS A 36 5.56 -4.03 15.52
C CYS A 36 5.55 -5.39 16.20
N THR A 37 5.61 -6.43 15.41
CA THR A 37 5.70 -7.83 15.96
C THR A 37 6.85 -8.61 15.32
N HIS A 38 7.29 -9.74 15.94
CA HIS A 38 8.44 -10.45 15.40
C HIS A 38 8.07 -11.86 15.00
N LEU A 39 8.64 -12.34 13.89
CA LEU A 39 8.51 -13.72 13.46
C LEU A 39 9.74 -14.08 12.67
N GLU A 40 10.20 -15.30 12.81
CA GLU A 40 11.32 -15.77 11.96
C GLU A 40 12.57 -14.93 12.03
N GLY A 41 12.79 -14.27 13.18
CA GLY A 41 13.98 -13.44 13.26
C GLY A 41 13.88 -12.10 12.56
N LYS A 42 12.66 -11.78 12.11
CA LYS A 42 12.43 -10.56 11.29
C LYS A 42 11.34 -9.79 12.01
N VAL A 43 11.13 -8.56 11.57
CA VAL A 43 10.13 -7.74 12.19
C VAL A 43 9.00 -7.47 11.18
N ILE A 44 7.79 -7.53 11.68
CA ILE A 44 6.61 -7.26 10.79
C ILE A 44 6.08 -5.91 11.38
N LEU A 45 6.13 -4.84 10.58
CA LEU A 45 5.55 -3.55 10.97
C LEU A 45 4.14 -3.46 10.42
N VAL A 46 3.16 -3.11 11.27
CA VAL A 46 1.77 -3.09 10.89
C VAL A 46 1.21 -1.71 11.14
N ALA A 47 0.39 -1.16 10.22
CA ALA A 47 -0.41 0.01 10.56
C ALA A 47 -1.87 -0.39 10.60
N VAL A 48 -2.52 -0.06 11.71
CA VAL A 48 -3.96 -0.39 11.84
C VAL A 48 -4.80 0.84 11.77
N HIS A 49 -5.85 0.83 10.94
CA HIS A 49 -6.79 1.88 10.90
C HIS A 49 -7.81 1.61 12.03
N VAL A 50 -7.75 2.46 13.06
CA VAL A 50 -8.35 2.06 14.35
C VAL A 50 -9.86 1.82 14.23
N ALA A 51 -10.53 2.66 13.50
CA ALA A 51 -12.04 2.60 13.48
C ALA A 51 -12.55 1.37 12.71
N SER A 52 -11.78 0.89 11.72
CA SER A 52 -12.18 -0.26 10.88
C SER A 52 -11.52 -1.60 11.14
N GLY A 53 -10.32 -1.58 11.74
CA GLY A 53 -9.45 -2.70 11.88
C GLY A 53 -8.74 -3.11 10.56
N TYR A 54 -8.80 -2.25 9.54
CA TYR A 54 -8.08 -2.54 8.23
C TYR A 54 -6.56 -2.40 8.58
N ILE A 55 -5.74 -3.24 7.95
CA ILE A 55 -4.28 -3.12 8.17
C ILE A 55 -3.47 -3.05 6.89
N GLU A 56 -2.22 -2.51 7.03
CA GLU A 56 -1.24 -2.66 5.96
C GLU A 56 -0.01 -3.17 6.74
N ALA A 57 0.90 -3.88 6.06
CA ALA A 57 2.05 -4.39 6.86
C ALA A 57 3.24 -4.60 5.91
N GLU A 58 4.45 -4.59 6.47
N GLU A 58 4.45 -4.62 6.47
CA GLU A 58 5.62 -4.99 5.73
CA GLU A 58 5.62 -4.98 5.70
C GLU A 58 6.60 -5.75 6.61
C GLU A 58 6.58 -5.76 6.58
N VAL A 59 7.50 -6.47 5.95
CA VAL A 59 8.61 -7.17 6.68
C VAL A 59 9.87 -6.40 6.46
N ILE A 60 10.60 -6.21 7.58
CA ILE A 60 11.95 -5.53 7.58
C ILE A 60 12.86 -6.31 8.56
N PRO A 61 14.19 -6.19 8.39
CA PRO A 61 15.12 -7.02 9.20
C PRO A 61 15.10 -6.52 10.61
N ALA A 62 14.87 -5.20 10.79
CA ALA A 62 14.84 -4.63 12.15
C ALA A 62 14.07 -3.32 12.11
N GLU A 63 13.45 -2.97 13.24
CA GLU A 63 12.66 -1.73 13.31
C GLU A 63 13.65 -0.64 13.50
N THR A 64 13.73 0.30 12.55
CA THR A 64 14.56 1.50 12.65
C THR A 64 13.66 2.75 12.40
N GLY A 65 14.13 3.95 12.78
CA GLY A 65 13.35 5.16 12.49
C GLY A 65 13.23 5.28 10.96
N GLN A 66 14.33 4.99 10.22
CA GLN A 66 14.30 5.18 8.79
C GLN A 66 13.24 4.24 8.18
N GLU A 67 13.24 2.98 8.63
CA GLU A 67 12.25 2.03 7.99
C GLU A 67 10.87 2.48 8.39
N THR A 68 10.66 2.93 9.63
CA THR A 68 9.30 3.33 10.08
C THR A 68 8.82 4.59 9.32
N ALA A 69 9.75 5.54 9.11
CA ALA A 69 9.43 6.73 8.38
C ALA A 69 8.99 6.38 6.93
N TYR A 70 9.72 5.50 6.26
CA TYR A 70 9.36 5.10 4.85
C TYR A 70 7.99 4.44 4.82
N PHE A 71 7.75 3.57 5.80
CA PHE A 71 6.45 2.92 5.87
C PHE A 71 5.33 3.92 6.05
N LEU A 72 5.52 4.94 6.90
CA LEU A 72 4.47 5.93 7.03
C LEU A 72 4.28 6.80 5.82
N LEU A 73 5.39 7.11 5.12
N LEU A 73 5.38 7.11 5.08
CA LEU A 73 5.25 7.82 3.85
CA LEU A 73 5.22 7.81 3.78
C LEU A 73 4.43 7.02 2.83
C LEU A 73 4.40 7.01 2.81
N LYS A 74 4.66 5.71 2.75
CA LYS A 74 3.82 4.83 1.90
CA LYS A 74 3.80 4.85 1.88
C LYS A 74 2.35 4.89 2.29
N LEU A 75 2.09 4.72 3.58
CA LEU A 75 0.71 4.64 4.08
C LEU A 75 -0.03 5.94 3.73
N ALA A 76 0.61 7.10 3.99
CA ALA A 76 -0.08 8.36 3.80
C ALA A 76 -0.27 8.76 2.36
N GLY A 77 0.49 8.13 1.43
CA GLY A 77 0.18 8.37 -0.01
C GLY A 77 -1.01 7.55 -0.45
N ARG A 78 -1.42 6.56 0.38
CA ARG A 78 -2.48 5.61 0.02
C ARG A 78 -3.79 5.93 0.67
N TRP A 79 -3.79 6.39 1.92
CA TRP A 79 -4.99 6.70 2.64
C TRP A 79 -4.83 8.05 3.34
N PRO A 80 -5.95 8.69 3.74
CA PRO A 80 -5.81 10.06 4.28
C PRO A 80 -5.51 10.00 5.77
N VAL A 81 -4.23 9.92 6.07
CA VAL A 81 -3.70 9.64 7.38
C VAL A 81 -3.64 11.02 8.11
N LYS A 82 -4.43 11.18 9.12
CA LYS A 82 -4.36 12.45 9.91
C LYS A 82 -3.47 12.32 11.12
N THR A 83 -3.56 11.19 11.79
CA THR A 83 -2.80 11.04 13.05
C THR A 83 -2.26 9.63 13.10
N VAL A 84 -1.02 9.48 13.53
CA VAL A 84 -0.51 8.12 13.78
CA VAL A 84 -0.48 8.13 13.77
C VAL A 84 -0.10 8.05 15.21
N HIS A 85 -0.66 7.06 15.90
CA HIS A 85 -0.15 6.68 17.24
C HIS A 85 1.03 5.75 17.02
N THR A 86 2.22 6.22 17.47
CA THR A 86 3.42 5.43 17.22
CA THR A 86 3.41 5.47 17.22
C THR A 86 3.48 4.23 18.16
N ASP A 87 4.28 3.24 17.76
CA ASP A 87 4.24 1.91 18.44
C ASP A 87 5.13 1.88 19.71
N ASN A 88 6.11 2.77 19.73
CA ASN A 88 7.02 2.84 20.92
C ASN A 88 7.66 4.21 20.98
N GLY A 89 8.44 4.45 22.04
CA GLY A 89 8.91 5.80 22.32
C GLY A 89 10.11 6.08 21.38
N SER A 90 10.77 5.06 20.90
CA SER A 90 11.91 5.35 19.98
C SER A 90 11.38 5.90 18.64
N ASN A 91 10.35 5.27 18.15
CA ASN A 91 9.71 5.84 16.91
C ASN A 91 9.03 7.18 17.18
N PHE A 92 8.52 7.43 18.39
CA PHE A 92 7.98 8.70 18.71
C PHE A 92 9.14 9.77 18.72
N THR A 93 10.32 9.40 19.24
CA THR A 93 11.44 10.32 19.39
C THR A 93 12.11 10.57 18.09
N SER A 94 12.17 9.55 17.24
CA SER A 94 13.05 9.54 16.03
C SER A 94 12.88 10.76 15.16
N THR A 95 14.02 11.46 14.89
CA THR A 95 13.88 12.66 14.05
C THR A 95 13.45 12.28 12.63
N THR A 96 13.89 11.09 12.16
CA THR A 96 13.50 10.68 10.81
CA THR A 96 13.49 10.66 10.80
C THR A 96 12.00 10.42 10.72
N VAL A 97 11.41 9.72 11.76
CA VAL A 97 9.99 9.52 11.74
C VAL A 97 9.27 10.89 11.84
N LYS A 98 9.79 11.83 12.66
CA LYS A 98 9.09 13.14 12.79
C LYS A 98 9.13 13.87 11.44
N ALA A 99 10.26 13.73 10.74
CA ALA A 99 10.43 14.36 9.39
C ALA A 99 9.45 13.77 8.41
N ALA A 100 9.28 12.45 8.35
CA ALA A 100 8.27 11.89 7.47
C ALA A 100 6.89 12.30 7.85
N CYS A 101 6.53 12.33 9.13
CA CYS A 101 5.19 12.78 9.52
C CYS A 101 5.00 14.26 9.15
N TRP A 102 6.05 15.09 9.32
CA TRP A 102 5.93 16.47 8.84
C TRP A 102 5.67 16.47 7.30
N TRP A 103 6.46 15.72 6.54
CA TRP A 103 6.40 15.76 5.10
C TRP A 103 4.98 15.40 4.69
N ALA A 104 4.45 14.29 5.23
CA ALA A 104 3.16 13.77 4.78
C ALA A 104 1.96 14.41 5.45
N GLY A 105 2.22 15.41 6.33
CA GLY A 105 1.11 16.05 6.98
C GLY A 105 0.44 15.20 8.07
N ILE A 106 1.21 14.35 8.73
CA ILE A 106 0.61 13.52 9.82
C ILE A 106 0.98 14.06 11.18
N LYS A 107 0.00 14.00 12.09
CA LYS A 107 0.21 14.39 13.47
CA LYS A 107 0.17 14.36 13.47
C LYS A 107 0.75 13.14 14.14
N GLN A 108 1.98 13.24 14.66
CA GLN A 108 2.60 12.10 15.23
C GLN A 108 2.26 12.12 16.71
N GLU A 109 1.72 11.05 17.23
CA GLU A 109 1.28 11.02 18.61
C GLU A 109 1.89 9.80 19.32
N ASP A 110 1.76 9.74 20.65
CA ASP A 110 2.23 8.53 21.33
C ASP A 110 1.20 7.43 21.15
N GLY A 111 1.42 6.22 21.68
CA GLY A 111 0.42 5.12 21.41
C GLY A 111 0.09 4.51 22.76
N ILE A 112 0.14 5.39 23.76
CA ILE A 112 -0.18 4.96 25.16
CA ILE A 112 -0.18 4.91 25.12
C ILE A 112 -1.64 4.47 25.19
N PRO A 113 -1.88 3.25 25.73
CA PRO A 113 -3.23 2.68 25.72
C PRO A 113 -4.03 3.32 26.82
N TYR A 114 -4.33 4.61 26.66
CA TYR A 114 -5.10 5.31 27.71
C TYR A 114 -6.42 4.58 27.80
N ASN A 115 -6.86 3.98 26.69
N ASN A 115 -6.79 3.90 26.72
CA ASN A 115 -7.92 2.98 26.76
CA ASN A 115 -7.95 2.98 26.67
C ASN A 115 -7.27 1.60 26.86
C ASN A 115 -7.49 1.52 26.77
N PRO A 116 -7.46 0.93 28.00
CA PRO A 116 -6.64 -0.27 28.18
C PRO A 116 -7.08 -1.42 27.26
N GLN A 117 -8.29 -1.34 26.69
CA GLN A 117 -8.76 -2.36 25.69
C GLN A 117 -7.85 -2.49 24.44
N SER A 118 -7.21 -1.35 24.07
CA SER A 118 -6.15 -1.29 23.04
C SER A 118 -5.05 -2.34 23.14
N GLN A 119 -4.44 -2.55 24.32
CA GLN A 119 -3.35 -3.56 24.39
C GLN A 119 -3.88 -4.91 23.93
N GLY A 120 -5.08 -5.29 24.44
CA GLY A 120 -5.69 -6.57 24.17
C GLY A 120 -5.99 -6.71 22.69
N VAL A 121 -6.50 -5.66 22.11
CA VAL A 121 -6.93 -5.73 20.67
C VAL A 121 -5.71 -5.94 19.78
N ILE A 122 -4.65 -5.18 20.05
N ILE A 122 -4.63 -5.19 20.03
CA ILE A 122 -3.39 -5.31 19.28
CA ILE A 122 -3.41 -5.36 19.21
C ILE A 122 -2.76 -6.70 19.47
C ILE A 122 -2.77 -6.73 19.45
N GLU A 123 -2.75 -7.18 20.71
CA GLU A 123 -2.14 -8.46 20.99
C GLU A 123 -2.97 -9.51 20.27
N SER A 124 -4.30 -9.40 20.28
CA SER A 124 -5.07 -10.44 19.64
C SER A 124 -4.88 -10.35 18.13
N MET A 125 -4.81 -9.12 17.61
CA MET A 125 -4.49 -9.04 16.16
C MET A 125 -3.12 -9.65 15.80
N ASN A 126 -2.09 -9.45 16.64
CA ASN A 126 -0.85 -10.03 16.27
C ASN A 126 -0.89 -11.57 16.30
N LYS A 127 -1.58 -12.12 17.33
CA LYS A 127 -1.80 -13.59 17.33
C LYS A 127 -2.48 -14.19 16.10
N GLU A 128 -3.62 -13.60 15.74
CA GLU A 128 -4.37 -13.91 14.49
C GLU A 128 -3.47 -13.80 13.28
N LEU A 129 -2.77 -12.67 13.13
N LEU A 129 -2.75 -12.68 13.17
CA LEU A 129 -1.87 -12.55 11.95
CA LEU A 129 -1.87 -12.48 12.00
C LEU A 129 -0.82 -13.63 11.91
C LEU A 129 -0.82 -13.58 11.93
N LYS A 130 -0.19 -13.91 13.06
CA LYS A 130 0.78 -15.00 13.04
C LYS A 130 0.18 -16.37 12.73
N LYS A 131 -1.04 -16.60 13.23
CA LYS A 131 -1.78 -17.87 12.94
C LYS A 131 -1.98 -17.96 11.41
N ILE A 132 -2.38 -16.88 10.79
CA ILE A 132 -2.62 -16.91 9.35
C ILE A 132 -1.37 -17.10 8.62
N ILE A 133 -0.31 -16.36 9.00
CA ILE A 133 0.95 -16.59 8.34
C ILE A 133 1.39 -18.09 8.36
N GLY A 134 1.22 -18.72 9.53
CA GLY A 134 1.53 -20.16 9.65
C GLY A 134 0.72 -21.01 8.68
N GLN A 135 -0.54 -20.66 8.48
CA GLN A 135 -1.45 -21.38 7.63
C GLN A 135 -1.04 -21.21 6.15
N VAL A 136 -0.41 -20.07 5.78
CA VAL A 136 -0.06 -19.90 4.39
C VAL A 136 1.42 -20.14 4.10
N ARG A 137 2.18 -20.37 5.15
CA ARG A 137 3.60 -20.10 5.03
C ARG A 137 4.26 -20.98 3.95
N ASP A 138 3.79 -22.21 3.82
CA ASP A 138 4.33 -23.12 2.82
C ASP A 138 3.87 -22.87 1.37
N GLN A 139 2.91 -21.98 1.15
CA GLN A 139 2.55 -21.53 -0.20
C GLN A 139 3.53 -20.48 -0.70
N ALA A 140 4.40 -19.97 0.16
CA ALA A 140 5.26 -18.79 -0.25
C ALA A 140 6.76 -19.11 -0.08
N GLU A 141 7.60 -18.72 -1.00
CA GLU A 141 9.04 -18.85 -0.75
C GLU A 141 9.49 -17.88 0.39
N HIS A 142 8.98 -16.66 0.36
CA HIS A 142 9.50 -15.62 1.29
C HIS A 142 8.48 -15.28 2.38
N LEU A 143 8.96 -14.89 3.57
CA LEU A 143 8.02 -14.49 4.62
C LEU A 143 7.24 -13.28 4.12
N LYS A 144 7.87 -12.37 3.32
CA LYS A 144 7.12 -11.15 2.96
C LYS A 144 5.85 -11.48 2.16
N THR A 145 5.92 -12.52 1.36
CA THR A 145 4.71 -13.05 0.66
C THR A 145 3.63 -13.52 1.61
N ALA A 146 4.02 -14.37 2.57
CA ALA A 146 3.09 -14.89 3.51
C ALA A 146 2.47 -13.74 4.32
N VAL A 147 3.27 -12.72 4.68
CA VAL A 147 2.63 -11.61 5.43
C VAL A 147 1.62 -10.83 4.56
N GLN A 148 1.91 -10.66 3.25
CA GLN A 148 0.91 -9.97 2.44
C GLN A 148 -0.33 -10.88 2.22
N MET A 149 -0.13 -12.22 2.18
CA MET A 149 -1.29 -13.10 2.11
C MET A 149 -2.15 -12.94 3.37
N ALA A 150 -1.47 -12.78 4.54
CA ALA A 150 -2.23 -12.59 5.73
C ALA A 150 -2.97 -11.25 5.82
N VAL A 151 -2.32 -10.20 5.29
CA VAL A 151 -2.98 -8.89 5.23
C VAL A 151 -4.25 -9.06 4.38
N PHE A 152 -4.08 -9.70 3.22
CA PHE A 152 -5.21 -9.89 2.35
C PHE A 152 -6.35 -10.64 3.05
N ILE A 153 -6.00 -11.76 3.69
CA ILE A 153 -7.11 -12.52 4.35
C ILE A 153 -7.74 -11.67 5.49
N HIS A 154 -6.89 -10.99 6.30
CA HIS A 154 -7.44 -10.17 7.39
C HIS A 154 -8.43 -9.12 6.91
N ASN A 155 -8.06 -8.41 5.80
CA ASN A 155 -8.82 -7.23 5.33
C ASN A 155 -10.07 -7.69 4.59
N HIS A 156 -10.06 -8.93 4.08
CA HIS A 156 -11.25 -9.39 3.33
C HIS A 156 -12.22 -10.17 4.22
N LYS A 157 -11.80 -10.48 5.45
CA LYS A 157 -12.63 -11.40 6.34
C LYS A 157 -13.91 -10.70 6.71
N ARG A 158 -15.09 -11.35 6.48
CA ARG A 158 -16.35 -10.70 6.93
C ARG A 158 -16.70 -11.01 8.38
N LYS A 159 -16.96 -10.01 9.20
CA LYS A 159 -17.25 -10.26 10.60
C LYS A 159 -18.68 -9.90 10.98
N GLY A 164 -21.93 -9.73 7.54
CA GLY A 164 -21.33 -8.49 8.00
C GLY A 164 -20.29 -8.03 6.99
N TYR A 165 -19.74 -6.87 7.23
CA TYR A 165 -18.80 -6.24 6.34
C TYR A 165 -17.35 -6.66 6.72
N SER A 166 -16.45 -6.54 5.75
CA SER A 166 -15.03 -6.76 6.06
C SER A 166 -14.36 -5.44 6.53
N ALA A 167 -13.13 -5.54 7.02
CA ALA A 167 -12.43 -4.30 7.42
C ALA A 167 -12.18 -3.43 6.16
N GLY A 168 -11.90 -4.02 5.00
CA GLY A 168 -11.62 -3.23 3.76
C GLY A 168 -12.91 -2.49 3.35
N GLU A 169 -14.07 -3.16 3.57
CA GLU A 169 -15.36 -2.41 3.35
C GLU A 169 -15.58 -1.30 4.37
N ARG A 170 -15.29 -1.57 5.63
CA ARG A 170 -15.54 -0.59 6.69
C ARG A 170 -14.63 0.62 6.46
N ILE A 171 -13.36 0.43 6.06
CA ILE A 171 -12.50 1.63 5.97
C ILE A 171 -12.99 2.55 4.83
N VAL A 172 -13.39 1.97 3.71
CA VAL A 172 -13.87 2.81 2.59
C VAL A 172 -15.16 3.53 2.95
N ASP A 173 -16.05 2.80 3.62
CA ASP A 173 -17.37 3.39 4.06
CA ASP A 173 -17.34 3.42 3.99
C ASP A 173 -17.11 4.54 5.00
N ILE A 174 -16.22 4.31 5.96
CA ILE A 174 -15.89 5.38 6.90
C ILE A 174 -15.30 6.59 6.22
N ILE A 175 -14.32 6.41 5.33
CA ILE A 175 -13.71 7.60 4.75
C ILE A 175 -14.66 8.26 3.80
N ALA A 176 -15.48 7.45 3.10
CA ALA A 176 -16.39 8.06 2.06
C ALA A 176 -17.43 8.92 2.78
N THR A 177 -17.83 8.45 3.95
CA THR A 177 -18.84 9.16 4.75
C THR A 177 -18.24 10.47 5.26
N ASP A 178 -16.96 10.45 5.68
CA ASP A 178 -16.25 11.67 6.03
C ASP A 178 -16.16 12.65 4.84
N ILE A 179 -15.82 12.17 3.64
CA ILE A 179 -15.60 13.05 2.48
C ILE A 179 -16.92 13.75 2.13
N GLN A 180 -18.02 13.03 2.28
CA GLN A 180 -19.35 13.59 1.90
C GLN A 180 -19.87 14.65 2.88
N SER B 28 -16.12 -1.70 -13.11
N SER B 28 -16.24 -1.57 -13.20
CA SER B 28 -15.17 -0.52 -13.09
CA SER B 28 -15.36 -0.33 -13.13
C SER B 28 -14.65 0.02 -11.73
C SER B 28 -14.70 0.02 -11.77
N PRO B 29 -15.41 -0.10 -10.62
CA PRO B 29 -14.73 0.10 -9.31
C PRO B 29 -13.50 -0.86 -9.10
N GLY B 30 -13.52 -2.02 -9.73
CA GLY B 30 -12.51 -3.09 -9.49
C GLY B 30 -11.38 -3.15 -10.57
N ILE B 31 -11.35 -2.22 -11.51
N ILE B 31 -11.32 -2.19 -11.47
CA ILE B 31 -10.36 -2.36 -12.65
CA ILE B 31 -10.41 -2.35 -12.61
C ILE B 31 -9.12 -1.56 -12.45
C ILE B 31 -9.12 -1.54 -12.48
N TRP B 32 -7.96 -2.21 -12.59
CA TRP B 32 -6.70 -1.58 -12.46
C TRP B 32 -5.83 -1.88 -13.70
N GLN B 33 -4.87 -0.98 -13.96
N GLN B 33 -4.88 -0.99 -13.98
CA GLN B 33 -3.92 -1.16 -15.09
CA GLN B 33 -3.98 -1.16 -15.12
C GLN B 33 -2.55 -1.09 -14.53
C GLN B 33 -2.55 -1.05 -14.60
N LEU B 34 -1.69 -1.99 -14.98
N LEU B 34 -1.71 -2.00 -15.00
CA LEU B 34 -0.25 -1.95 -14.60
CA LEU B 34 -0.30 -2.00 -14.59
C LEU B 34 0.50 -1.12 -15.56
C LEU B 34 0.50 -1.16 -15.56
N ASP B 35 1.59 -0.53 -15.09
CA ASP B 35 2.42 0.37 -15.97
C ASP B 35 3.83 0.33 -15.48
N CYS B 36 4.85 0.27 -16.35
CA CYS B 36 6.21 0.08 -15.87
C CYS B 36 6.97 1.20 -16.54
N THR B 37 7.69 1.98 -15.79
CA THR B 37 8.51 3.09 -16.38
C THR B 37 9.91 3.04 -15.81
N HIS B 38 10.89 3.67 -16.47
CA HIS B 38 12.25 3.54 -15.99
C HIS B 38 12.82 4.87 -15.56
N LEU B 39 13.61 4.87 -14.49
CA LEU B 39 14.36 6.06 -14.08
C LEU B 39 15.59 5.62 -13.34
N GLU B 40 16.70 6.32 -13.56
CA GLU B 40 17.92 6.07 -12.76
C GLU B 40 18.44 4.64 -12.84
N GLY B 41 18.18 4.00 -13.98
CA GLY B 41 18.64 2.63 -14.12
C GLY B 41 17.76 1.65 -13.39
N LYS B 42 16.63 2.13 -12.86
CA LYS B 42 15.74 1.28 -12.02
C LYS B 42 14.38 1.30 -12.70
N VAL B 43 13.51 0.43 -12.25
CA VAL B 43 12.20 0.29 -12.76
C VAL B 43 11.17 0.73 -11.72
N ILE B 44 10.21 1.53 -12.18
CA ILE B 44 9.10 1.96 -11.23
C ILE B 44 7.86 1.20 -11.77
N LEU B 45 7.27 0.32 -10.98
CA LEU B 45 6.06 -0.40 -11.36
C LEU B 45 4.89 0.38 -10.72
N VAL B 46 3.85 0.68 -11.50
CA VAL B 46 2.75 1.50 -11.05
C VAL B 46 1.48 0.70 -11.29
N ALA B 47 0.54 0.71 -10.35
CA ALA B 47 -0.82 0.23 -10.64
C ALA B 47 -1.76 1.42 -10.64
N VAL B 48 -2.53 1.56 -11.70
CA VAL B 48 -3.49 2.69 -11.73
C VAL B 48 -4.90 2.21 -11.65
N HIS B 49 -5.70 2.80 -10.77
CA HIS B 49 -7.10 2.53 -10.70
C HIS B 49 -7.75 3.38 -11.78
N VAL B 50 -8.25 2.69 -12.79
N VAL B 50 -8.25 2.69 -12.81
CA VAL B 50 -8.56 3.35 -14.08
CA VAL B 50 -8.56 3.35 -14.07
C VAL B 50 -9.66 4.46 -13.89
C VAL B 50 -9.66 4.43 -13.92
N ALA B 51 -10.68 4.15 -13.13
CA ALA B 51 -11.85 5.07 -13.03
C ALA B 51 -11.50 6.34 -12.24
N SER B 52 -10.51 6.27 -11.32
CA SER B 52 -10.13 7.42 -10.47
C SER B 52 -8.83 8.12 -10.78
N GLY B 53 -7.90 7.43 -11.42
CA GLY B 53 -6.53 7.82 -11.61
C GLY B 53 -5.67 7.68 -10.33
N TYR B 54 -6.16 7.01 -9.30
CA TYR B 54 -5.36 6.79 -8.04
C TYR B 54 -4.26 5.79 -8.44
N ILE B 55 -3.06 6.00 -7.85
CA ILE B 55 -1.98 5.03 -8.12
C ILE B 55 -1.30 4.49 -6.87
N GLU B 56 -0.64 3.31 -7.05
CA GLU B 56 0.30 2.83 -6.02
C GLU B 56 1.56 2.55 -6.87
N ALA B 57 2.74 2.54 -6.26
CA ALA B 57 3.91 2.31 -7.11
C ALA B 57 5.03 1.73 -6.21
N GLU B 58 6.03 1.10 -6.82
N GLU B 58 6.01 1.07 -6.81
CA GLU B 58 7.23 0.69 -6.09
CA GLU B 58 7.19 0.60 -6.09
C GLU B 58 8.42 0.74 -7.04
C GLU B 58 8.40 0.66 -7.01
N VAL B 59 9.61 0.72 -6.43
CA VAL B 59 10.86 0.71 -7.24
C VAL B 59 11.47 -0.65 -7.09
N ILE B 60 11.80 -1.28 -8.21
CA ILE B 60 12.49 -2.62 -8.27
C ILE B 60 13.67 -2.50 -9.26
N PRO B 61 14.71 -3.37 -9.11
CA PRO B 61 15.93 -3.26 -9.97
C PRO B 61 15.58 -3.61 -11.39
N ALA B 62 14.62 -4.54 -11.57
CA ALA B 62 14.17 -4.90 -12.92
C ALA B 62 12.80 -5.55 -12.84
N GLU B 63 12.02 -5.45 -13.92
CA GLU B 63 10.65 -5.99 -13.91
C GLU B 63 10.78 -7.49 -14.15
N THR B 64 10.37 -8.30 -13.19
CA THR B 64 10.30 -9.75 -13.31
C THR B 64 8.86 -10.21 -12.99
N GLY B 65 8.48 -11.44 -13.42
CA GLY B 65 7.15 -11.95 -13.02
C GLY B 65 7.10 -12.05 -11.50
N GLN B 66 8.21 -12.48 -10.85
CA GLN B 66 8.12 -12.61 -9.40
C GLN B 66 7.80 -11.23 -8.73
N GLU B 67 8.50 -10.19 -9.18
CA GLU B 67 8.29 -8.85 -8.54
C GLU B 67 6.91 -8.38 -8.87
N THR B 68 6.46 -8.65 -10.11
CA THR B 68 5.09 -8.14 -10.50
C THR B 68 4.01 -8.88 -9.70
N ALA B 69 4.21 -10.19 -9.49
CA ALA B 69 3.27 -10.98 -8.74
C ALA B 69 3.15 -10.48 -7.27
N TYR B 70 4.30 -10.22 -6.64
CA TYR B 70 4.30 -9.69 -5.26
C TYR B 70 3.58 -8.34 -5.18
N PHE B 71 3.84 -7.48 -6.14
CA PHE B 71 3.22 -6.15 -6.14
C PHE B 71 1.71 -6.34 -6.28
N LEU B 72 1.22 -7.27 -7.13
CA LEU B 72 -0.24 -7.42 -7.23
C LEU B 72 -0.83 -8.04 -5.99
N LEU B 73 -0.07 -8.94 -5.33
N LEU B 73 -0.07 -8.93 -5.33
CA LEU B 73 -0.62 -9.46 -4.04
CA LEU B 73 -0.52 -9.47 -4.03
C LEU B 73 -0.75 -8.35 -3.00
C LEU B 73 -0.74 -8.34 -3.03
N LYS B 74 0.23 -7.44 -2.94
CA LYS B 74 0.09 -6.27 -2.06
CA LYS B 74 0.08 -6.28 -2.04
C LYS B 74 -1.12 -5.43 -2.41
N LEU B 75 -1.28 -5.16 -3.71
CA LEU B 75 -2.37 -4.25 -4.12
C LEU B 75 -3.72 -4.85 -3.72
N ALA B 76 -3.92 -6.13 -4.06
CA ALA B 76 -5.23 -6.75 -3.81
C ALA B 76 -5.52 -6.98 -2.34
N GLY B 77 -4.50 -6.95 -1.47
CA GLY B 77 -4.86 -6.96 0.01
C GLY B 77 -5.30 -5.60 0.48
N ARG B 78 -5.08 -4.54 -0.35
CA ARG B 78 -5.36 -3.16 0.08
C ARG B 78 -6.61 -2.63 -0.55
N TRP B 79 -6.92 -3.00 -1.80
CA TRP B 79 -8.13 -2.56 -2.47
C TRP B 79 -8.81 -3.71 -3.11
N PRO B 80 -10.13 -3.57 -3.45
CA PRO B 80 -10.85 -4.75 -4.00
C PRO B 80 -10.62 -4.86 -5.54
N VAL B 81 -9.55 -5.52 -5.88
CA VAL B 81 -9.04 -5.60 -7.19
C VAL B 81 -9.82 -6.75 -7.90
N LYS B 82 -10.60 -6.41 -8.90
CA LYS B 82 -11.32 -7.46 -9.63
C LYS B 82 -10.61 -7.88 -10.86
N THR B 83 -10.07 -6.89 -11.58
CA THR B 83 -9.38 -7.13 -12.84
C THR B 83 -8.07 -6.35 -12.94
N VAL B 84 -7.02 -6.98 -13.41
CA VAL B 84 -5.79 -6.23 -13.72
CA VAL B 84 -5.80 -6.20 -13.74
C VAL B 84 -5.48 -6.37 -15.21
N HIS B 85 -5.36 -5.23 -15.86
CA HIS B 85 -4.77 -5.18 -17.24
C HIS B 85 -3.27 -5.12 -17.09
N THR B 86 -2.59 -6.20 -17.54
CA THR B 86 -1.15 -6.29 -17.33
CA THR B 86 -1.18 -6.32 -17.35
C THR B 86 -0.46 -5.33 -18.32
N ASP B 87 0.79 -5.01 -18.00
CA ASP B 87 1.49 -3.88 -18.66
C ASP B 87 2.18 -4.39 -19.98
N ASN B 88 2.42 -5.70 -20.06
CA ASN B 88 3.09 -6.27 -21.25
C ASN B 88 2.81 -7.78 -21.30
N GLY B 89 3.22 -8.39 -22.41
CA GLY B 89 2.84 -9.78 -22.66
C GLY B 89 3.70 -10.70 -21.80
N SER B 90 4.87 -10.28 -21.33
CA SER B 90 5.68 -11.14 -20.45
C SER B 90 4.93 -11.33 -19.10
N ASN B 91 4.47 -10.21 -18.56
CA ASN B 91 3.67 -10.34 -17.28
C ASN B 91 2.33 -10.99 -17.53
N PHE B 92 1.69 -10.85 -18.68
CA PHE B 92 0.49 -11.60 -18.97
C PHE B 92 0.79 -13.13 -19.03
N THR B 93 1.92 -13.50 -19.65
CA THR B 93 2.27 -14.94 -19.80
C THR B 93 2.76 -15.58 -18.52
N SER B 94 3.42 -14.81 -17.67
CA SER B 94 4.21 -15.29 -16.49
C SER B 94 3.38 -16.22 -15.59
N THR B 95 3.89 -17.45 -15.41
CA THR B 95 3.09 -18.36 -14.56
C THR B 95 3.03 -17.82 -13.10
N THR B 96 4.07 -17.10 -12.72
CA THR B 96 4.09 -16.59 -11.32
C THR B 96 3.04 -15.49 -11.18
N VAL B 97 2.98 -14.56 -12.18
CA VAL B 97 1.94 -13.56 -12.14
C VAL B 97 0.55 -14.25 -12.16
N LYS B 98 0.36 -15.28 -13.01
CA LYS B 98 -0.97 -15.89 -13.06
C LYS B 98 -1.30 -16.54 -11.68
N ALA B 99 -0.29 -17.10 -11.07
CA ALA B 99 -0.49 -17.76 -9.72
C ALA B 99 -0.87 -16.72 -8.71
N ALA B 100 -0.22 -15.54 -8.67
CA ALA B 100 -0.70 -14.48 -7.75
C ALA B 100 -2.05 -13.97 -8.04
N CYS B 101 -2.44 -13.82 -9.32
CA CYS B 101 -3.77 -13.34 -9.64
C CYS B 101 -4.78 -14.45 -9.23
N TRP B 102 -4.41 -15.74 -9.43
CA TRP B 102 -5.33 -16.76 -8.93
C TRP B 102 -5.47 -16.63 -7.40
N TRP B 103 -4.36 -16.52 -6.72
CA TRP B 103 -4.39 -16.54 -5.25
C TRP B 103 -5.28 -15.44 -4.76
N ALA B 104 -5.08 -14.22 -5.31
CA ALA B 104 -5.84 -13.05 -4.82
C ALA B 104 -7.21 -12.81 -5.42
N GLY B 105 -7.66 -13.77 -6.27
CA GLY B 105 -8.96 -13.66 -6.93
C GLY B 105 -9.01 -12.54 -7.98
N ILE B 106 -7.91 -12.34 -8.68
CA ILE B 106 -7.92 -11.28 -9.73
C ILE B 106 -8.01 -11.93 -11.10
N LYS B 107 -8.80 -11.29 -11.97
CA LYS B 107 -8.90 -11.63 -13.37
CA LYS B 107 -8.89 -11.68 -13.38
C LYS B 107 -7.77 -10.96 -14.09
N GLN B 108 -6.85 -11.75 -14.63
CA GLN B 108 -5.68 -11.21 -15.27
C GLN B 108 -6.03 -10.99 -16.73
N GLU B 109 -5.92 -9.77 -17.21
CA GLU B 109 -6.26 -9.49 -18.57
C GLU B 109 -5.09 -8.85 -19.32
N ASP B 110 -5.21 -8.69 -20.65
CA ASP B 110 -4.10 -8.05 -21.38
C ASP B 110 -4.27 -6.54 -21.17
N GLY B 111 -3.41 -5.70 -21.73
CA GLY B 111 -3.57 -4.25 -21.49
C GLY B 111 -3.56 -3.52 -22.80
N ILE B 112 -4.11 -4.21 -23.78
CA ILE B 112 -4.14 -3.68 -25.19
C ILE B 112 -5.01 -2.46 -25.16
N PRO B 113 -4.50 -1.32 -25.72
CA PRO B 113 -5.26 -0.06 -25.65
C PRO B 113 -6.35 -0.05 -26.71
N TYR B 114 -7.35 -0.86 -26.50
CA TYR B 114 -8.50 -0.94 -27.43
C TYR B 114 -9.12 0.41 -27.48
N ASN B 115 -9.03 1.14 -26.36
N ASN B 115 -8.93 1.18 -26.41
CA ASN B 115 -9.27 2.57 -26.42
CA ASN B 115 -9.32 2.59 -26.36
C ASN B 115 -7.92 3.28 -26.58
C ASN B 115 -8.09 3.50 -26.47
N PRO B 116 -7.73 3.93 -27.72
CA PRO B 116 -6.40 4.49 -27.98
C PRO B 116 -6.03 5.64 -27.03
N GLN B 117 -7.04 6.29 -26.41
CA GLN B 117 -6.77 7.37 -25.42
C GLN B 117 -5.87 6.85 -24.24
N SER B 118 -5.93 5.53 -23.99
CA SER B 118 -5.10 4.87 -22.93
C SER B 118 -3.60 5.11 -23.05
N GLN B 119 -3.01 4.89 -24.25
CA GLN B 119 -1.56 5.03 -24.38
C GLN B 119 -1.24 6.42 -23.93
N GLY B 120 -2.06 7.39 -24.39
CA GLY B 120 -1.80 8.81 -24.10
C GLY B 120 -1.87 9.14 -22.61
N VAL B 121 -2.86 8.60 -21.96
CA VAL B 121 -3.10 8.90 -20.51
C VAL B 121 -1.94 8.32 -19.70
N ILE B 122 -1.55 7.08 -19.98
N ILE B 122 -1.56 7.06 -19.98
CA ILE B 122 -0.39 6.47 -19.27
CA ILE B 122 -0.40 6.45 -19.28
C ILE B 122 0.92 7.21 -19.54
C ILE B 122 0.92 7.20 -19.55
N GLU B 123 1.16 7.61 -20.79
CA GLU B 123 2.40 8.32 -21.11
C GLU B 123 2.43 9.65 -20.36
N SER B 124 1.30 10.32 -20.29
CA SER B 124 1.28 11.60 -19.63
C SER B 124 1.42 11.37 -18.14
N MET B 125 0.76 10.34 -17.63
CA MET B 125 1.02 10.01 -16.20
C MET B 125 2.50 9.71 -15.92
N ASN B 126 3.19 8.98 -16.80
CA ASN B 126 4.56 8.69 -16.46
C ASN B 126 5.41 9.97 -16.46
N LYS B 127 5.12 10.84 -17.45
CA LYS B 127 5.84 12.13 -17.50
CA LYS B 127 5.80 12.12 -17.52
C LYS B 127 5.64 12.98 -16.26
N GLU B 128 4.37 13.13 -15.83
CA GLU B 128 3.98 13.85 -14.59
C GLU B 128 4.73 13.21 -13.44
N LEU B 129 4.71 11.88 -13.36
CA LEU B 129 5.39 11.31 -12.18
C LEU B 129 6.87 11.56 -12.15
N LYS B 130 7.50 11.42 -13.32
CA LYS B 130 8.92 11.71 -13.35
C LYS B 130 9.24 13.17 -13.06
N LYS B 131 8.34 14.06 -13.47
CA LYS B 131 8.50 15.50 -13.16
C LYS B 131 8.47 15.68 -11.63
N ILE B 132 7.53 15.04 -10.96
CA ILE B 132 7.44 15.20 -9.51
C ILE B 132 8.60 14.61 -8.84
N ILE B 133 9.03 13.42 -9.30
CA ILE B 133 10.19 12.81 -8.71
C ILE B 133 11.42 13.73 -8.77
N GLY B 134 11.64 14.37 -9.92
CA GLY B 134 12.74 15.34 -10.00
C GLY B 134 12.59 16.54 -9.07
N GLN B 135 11.37 16.99 -8.84
CA GLN B 135 11.12 18.09 -7.97
C GLN B 135 11.41 17.68 -6.51
N VAL B 136 11.22 16.39 -6.16
CA VAL B 136 11.52 16.03 -4.74
C VAL B 136 12.82 15.34 -4.51
N ARG B 137 13.56 15.10 -5.58
CA ARG B 137 14.53 14.03 -5.47
C ARG B 137 15.63 14.34 -4.48
N ASP B 138 16.00 15.63 -4.37
CA ASP B 138 17.00 16.04 -3.40
C ASP B 138 16.52 16.08 -1.93
N GLN B 139 15.22 15.91 -1.70
CA GLN B 139 14.70 15.75 -0.30
C GLN B 139 14.91 14.33 0.19
N ALA B 140 15.33 13.41 -0.66
CA ALA B 140 15.36 11.97 -0.28
C ALA B 140 16.72 11.33 -0.59
N GLU B 141 17.23 10.54 0.31
CA GLU B 141 18.43 9.74 0.01
C GLU B 141 18.15 8.71 -1.12
N HIS B 142 17.04 7.99 -1.01
CA HIS B 142 16.77 6.89 -1.98
C HIS B 142 15.71 7.23 -3.01
N LEU B 143 15.84 6.74 -4.25
CA LEU B 143 14.80 6.93 -5.25
C LEU B 143 13.47 6.40 -4.68
N LYS B 144 13.46 5.26 -3.93
CA LYS B 144 12.17 4.75 -3.48
C LYS B 144 11.39 5.75 -2.65
N THR B 145 12.09 6.52 -1.85
CA THR B 145 11.47 7.63 -1.12
C THR B 145 10.81 8.66 -2.04
N ALA B 146 11.56 9.15 -3.04
CA ALA B 146 11.07 10.15 -3.94
C ALA B 146 9.87 9.59 -4.69
N VAL B 147 9.91 8.29 -5.08
CA VAL B 147 8.71 7.75 -5.77
C VAL B 147 7.49 7.73 -4.84
N GLN B 148 7.68 7.41 -3.57
CA GLN B 148 6.49 7.44 -2.71
C GLN B 148 6.02 8.89 -2.47
N MET B 149 6.95 9.86 -2.42
CA MET B 149 6.58 11.25 -2.33
C MET B 149 5.73 11.62 -3.52
N ALA B 150 6.16 11.11 -4.70
CA ALA B 150 5.37 11.42 -5.89
C ALA B 150 3.99 10.78 -5.93
N VAL B 151 3.89 9.54 -5.47
CA VAL B 151 2.58 8.88 -5.32
C VAL B 151 1.70 9.74 -4.42
N PHE B 152 2.27 10.16 -3.28
CA PHE B 152 1.50 10.95 -2.38
C PHE B 152 1.00 12.26 -3.05
N ILE B 153 1.91 12.95 -3.66
CA ILE B 153 1.44 14.24 -4.35
C ILE B 153 0.41 13.94 -5.44
N HIS B 154 0.64 12.88 -6.28
CA HIS B 154 -0.35 12.58 -7.32
C HIS B 154 -1.73 12.31 -6.76
N ASN B 155 -1.80 11.48 -5.68
CA ASN B 155 -3.08 11.00 -5.16
C ASN B 155 -3.78 12.10 -4.37
N HIS B 156 -3.03 13.09 -3.88
CA HIS B 156 -3.70 14.16 -3.09
C HIS B 156 -4.05 15.37 -3.96
N LYS B 157 -3.52 15.40 -5.17
CA LYS B 157 -3.77 16.59 -6.10
C LYS B 157 -5.23 16.82 -6.41
N ARG B 158 -5.75 18.06 -6.10
CA ARG B 158 -7.11 18.37 -6.49
C ARG B 158 -7.22 18.79 -7.96
N LYS B 159 -8.04 18.10 -8.75
CA LYS B 159 -8.10 18.34 -10.20
C LYS B 159 -9.48 18.10 -10.73
N GLY B 164 -13.93 20.14 -6.77
CA GLY B 164 -12.65 19.57 -7.23
C GLY B 164 -12.10 18.48 -6.30
N TYR B 165 -12.14 17.23 -6.74
CA TYR B 165 -11.77 16.14 -5.86
C TYR B 165 -10.36 15.64 -6.23
N SER B 166 -9.72 14.93 -5.31
CA SER B 166 -8.44 14.27 -5.65
C SER B 166 -8.70 12.82 -6.10
N ALA B 167 -7.67 12.20 -6.64
CA ALA B 167 -7.79 10.77 -7.05
C ALA B 167 -8.10 9.92 -5.80
N GLY B 168 -7.47 10.22 -4.67
CA GLY B 168 -7.71 9.44 -3.43
C GLY B 168 -9.17 9.58 -2.99
N GLU B 169 -9.75 10.79 -3.16
CA GLU B 169 -11.19 10.93 -2.82
C GLU B 169 -12.04 10.18 -3.81
N ARG B 170 -11.67 10.24 -5.08
CA ARG B 170 -12.50 9.65 -6.12
C ARG B 170 -12.48 8.12 -5.95
N ILE B 171 -11.31 7.52 -5.59
CA ILE B 171 -11.32 6.03 -5.51
C ILE B 171 -12.20 5.57 -4.35
N VAL B 172 -12.11 6.24 -3.21
CA VAL B 172 -12.98 5.84 -2.07
C VAL B 172 -14.47 6.03 -2.35
N ASP B 173 -14.79 7.13 -3.03
CA ASP B 173 -16.21 7.46 -3.41
CA ASP B 173 -16.20 7.43 -3.33
C ASP B 173 -16.74 6.40 -4.35
N ILE B 174 -15.94 6.06 -5.34
CA ILE B 174 -16.36 5.00 -6.27
C ILE B 174 -16.56 3.69 -5.60
N ILE B 175 -15.60 3.25 -4.80
CA ILE B 175 -15.75 1.92 -4.21
C ILE B 175 -16.87 1.94 -3.18
N ALA B 176 -17.02 3.06 -2.45
CA ALA B 176 -18.11 3.09 -1.41
C ALA B 176 -19.49 3.05 -2.10
N THR B 177 -19.60 3.67 -3.25
CA THR B 177 -20.83 3.71 -3.99
C THR B 177 -21.17 2.28 -4.46
N ASP B 178 -20.17 1.54 -4.94
CA ASP B 178 -20.32 0.12 -5.32
C ASP B 178 -20.71 -0.74 -4.10
N ILE B 179 -20.10 -0.53 -2.95
CA ILE B 179 -20.41 -1.37 -1.77
C ILE B 179 -21.88 -1.14 -1.33
N GLN B 180 -22.36 0.09 -1.44
CA GLN B 180 -23.73 0.47 -0.97
C GLN B 180 -24.87 -0.09 -1.87
N SER C 1 21.45 12.22 7.51
CA SER C 1 22.04 12.82 6.35
C SER C 1 21.18 13.98 5.79
N LEU C 2 20.30 14.50 6.66
CA LEU C 2 19.39 15.65 6.36
C LEU C 2 18.41 15.36 5.19
N LYS C 3 18.01 14.08 5.06
CA LYS C 3 16.99 13.69 4.07
C LYS C 3 15.77 13.21 4.89
N ILE C 4 14.59 13.31 4.30
CA ILE C 4 13.35 12.88 4.99
C ILE C 4 13.36 11.45 5.47
N ASP C 5 14.05 10.62 4.67
CA ASP C 5 14.18 9.17 4.90
C ASP C 5 15.46 8.84 5.69
N ASN C 6 16.22 9.86 6.07
CA ASN C 6 17.46 9.61 6.83
C ASN C 6 17.99 10.92 7.37
N GLU C 7 17.45 11.31 8.52
CA GLU C 7 17.74 12.68 8.96
C GLU C 7 19.21 12.83 9.44
N ASP C 8 19.93 11.70 9.71
CA ASP C 8 21.39 11.74 9.92
C ASP C 8 22.07 12.35 8.69
N SER D 1 9.72 -22.52 -8.27
CA SER D 1 9.86 -23.28 -7.04
C SER D 1 8.52 -23.79 -6.52
N LEU D 2 7.49 -23.73 -7.38
CA LEU D 2 6.09 -24.07 -7.06
C LEU D 2 5.52 -23.29 -5.85
N LYS D 3 5.91 -22.02 -5.75
CA LYS D 3 5.40 -21.14 -4.70
C LYS D 3 4.67 -20.03 -5.46
N ILE D 4 3.66 -19.43 -4.85
CA ILE D 4 2.90 -18.32 -5.49
C ILE D 4 3.74 -17.16 -5.97
N ASP D 5 4.82 -16.93 -5.22
CA ASP D 5 5.79 -15.81 -5.50
C ASP D 5 6.99 -16.28 -6.30
N ASN D 6 7.00 -17.56 -6.66
CA ASN D 6 8.08 -18.09 -7.49
C ASN D 6 7.68 -19.43 -8.05
N GLU D 7 6.98 -19.44 -9.19
CA GLU D 7 6.39 -20.71 -9.62
C GLU D 7 7.45 -21.73 -10.12
N ASP D 8 8.68 -21.26 -10.50
CA ASP D 8 9.84 -22.16 -10.69
C ASP D 8 10.07 -23.04 -9.45
#